data_4FFE
#
_entry.id   4FFE
#
_cell.length_a   105.173
_cell.length_b   105.173
_cell.length_c   108.657
_cell.angle_alpha   90.000
_cell.angle_beta   90.000
_cell.angle_gamma   120.000
#
_symmetry.space_group_name_H-M   'P 32 2 1'
#
loop_
_entity.id
_entity.type
_entity.pdbx_description
1 polymer 'CPXV018 protein'
2 water water
#
_entity_poly.entity_id   1
_entity_poly.type   'polypeptide(L)'
_entity_poly.pdbx_seq_one_letter_code
;MGHKLAFNFNLEINGSDTHSTVDVYLDDSQIITFDGKDIRPTIPFMIGDEIFLPFYKNVFSEFFSLFRRVPTSTPYEDLT
YFYECDYTDNKSTFDQFYLYNGEEYTVKTQEATNKNMWLTTSEFRLKKWFDGEDCIMHLRSLVRKMEDSKR
;
_entity_poly.pdbx_strand_id   X,Y,Z
#
# COMPACT_ATOMS: atom_id res chain seq x y z
N GLY A 2 -0.04 -11.94 -22.34
CA GLY A 2 -1.22 -11.10 -22.25
C GLY A 2 -1.08 -10.04 -21.17
N HIS A 3 -1.98 -9.05 -21.20
CA HIS A 3 -1.94 -7.96 -20.24
C HIS A 3 -3.33 -7.59 -19.73
N LYS A 4 -3.39 -7.09 -18.51
CA LYS A 4 -4.65 -6.69 -17.88
C LYS A 4 -4.56 -5.33 -17.22
N LEU A 5 -5.63 -4.56 -17.34
CA LEU A 5 -5.77 -3.31 -16.62
C LEU A 5 -7.06 -3.38 -15.81
N ALA A 6 -6.92 -3.39 -14.48
CA ALA A 6 -8.07 -3.59 -13.61
C ALA A 6 -8.32 -2.40 -12.70
N PHE A 7 -9.59 -2.04 -12.53
CA PHE A 7 -9.98 -0.95 -11.66
C PHE A 7 -10.88 -1.46 -10.55
N ASN A 8 -10.47 -1.22 -9.31
CA ASN A 8 -11.27 -1.61 -8.16
C ASN A 8 -11.92 -0.41 -7.48
N PHE A 9 -13.20 -0.20 -7.76
CA PHE A 9 -13.93 0.92 -7.17
C PHE A 9 -14.58 0.50 -5.85
N ASN A 10 -14.32 1.27 -4.80
CA ASN A 10 -14.97 1.03 -3.51
C ASN A 10 -15.63 2.27 -2.94
N LEU A 11 -16.93 2.16 -2.64
CA LEU A 11 -17.65 3.22 -1.96
C LEU A 11 -18.04 2.77 -0.57
N GLU A 12 -17.56 3.48 0.45
CA GLU A 12 -17.91 3.19 1.83
C GLU A 12 -18.89 4.24 2.33
N ILE A 13 -20.05 3.79 2.78
CA ILE A 13 -21.06 4.72 3.28
C ILE A 13 -21.20 4.61 4.81
N ASN A 14 -20.69 5.62 5.50
CA ASN A 14 -20.81 5.71 6.95
C ASN A 14 -21.84 6.77 7.34
N GLY A 15 -23.08 6.35 7.52
CA GLY A 15 -24.15 7.26 7.81
C GLY A 15 -24.51 8.10 6.60
N SER A 16 -24.05 9.34 6.57
CA SER A 16 -24.26 10.21 5.42
C SER A 16 -22.94 10.53 4.74
N ASP A 17 -21.83 10.29 5.44
CA ASP A 17 -20.51 10.53 4.88
C ASP A 17 -20.08 9.39 3.96
N THR A 18 -19.28 9.72 2.95
CA THR A 18 -18.81 8.71 2.01
C THR A 18 -17.30 8.75 1.84
N HIS A 19 -16.67 7.58 1.91
CA HIS A 19 -15.26 7.45 1.59
C HIS A 19 -15.12 6.55 0.36
N SER A 20 -14.52 7.08 -0.69
CA SER A 20 -14.37 6.34 -1.93
C SER A 20 -12.91 6.06 -2.25
N THR A 21 -12.64 4.86 -2.74
CA THR A 21 -11.29 4.49 -3.15
C THR A 21 -11.29 3.81 -4.51
N VAL A 22 -10.23 4.03 -5.27
CA VAL A 22 -9.99 3.29 -6.50
C VAL A 22 -8.55 2.81 -6.54
N ASP A 23 -8.37 1.53 -6.83
CA ASP A 23 -7.03 0.99 -7.03
C ASP A 23 -6.92 0.50 -8.46
N VAL A 24 -5.85 0.90 -9.14
CA VAL A 24 -5.61 0.49 -10.51
C VAL A 24 -4.45 -0.48 -10.57
N TYR A 25 -4.68 -1.63 -11.21
CA TYR A 25 -3.67 -2.67 -11.29
C TYR A 25 -3.29 -2.93 -12.75
N LEU A 26 -1.99 -2.90 -13.02
CA LEU A 26 -1.48 -3.29 -14.34
C LEU A 26 -0.78 -4.62 -14.17
N ASP A 27 -1.32 -5.65 -14.81
CA ASP A 27 -0.78 -7.02 -14.69
C ASP A 27 -0.59 -7.42 -13.24
N ASP A 28 -1.61 -7.17 -12.42
CA ASP A 28 -1.62 -7.55 -11.00
C ASP A 28 -0.67 -6.74 -10.12
N SER A 29 -0.09 -5.69 -10.67
CA SER A 29 0.70 -4.74 -9.88
C SER A 29 -0.07 -3.43 -9.73
N GLN A 30 -0.24 -2.98 -8.50
CA GLN A 30 -0.92 -1.71 -8.26
C GLN A 30 -0.05 -0.55 -8.73
N ILE A 31 -0.58 0.27 -9.62
CA ILE A 31 0.18 1.38 -10.18
C ILE A 31 -0.37 2.75 -9.77
N ILE A 32 -1.66 2.79 -9.42
CA ILE A 32 -2.34 4.04 -9.09
C ILE A 32 -3.34 3.83 -7.96
N THR A 33 -3.36 4.76 -7.00
CA THR A 33 -4.37 4.73 -5.95
C THR A 33 -5.09 6.07 -5.82
N PHE A 34 -6.36 6.02 -5.46
CA PHE A 34 -7.20 7.21 -5.37
C PHE A 34 -7.98 7.12 -4.06
N ASP A 35 -7.98 8.20 -3.28
CA ASP A 35 -8.58 8.15 -1.94
C ASP A 35 -9.82 9.03 -1.77
N GLY A 36 -10.40 9.46 -2.88
CA GLY A 36 -11.57 10.30 -2.84
C GLY A 36 -11.25 11.75 -3.15
N LYS A 37 -10.06 12.19 -2.72
CA LYS A 37 -9.64 13.57 -2.94
C LYS A 37 -8.39 13.64 -3.81
N ASP A 38 -7.40 12.81 -3.48
CA ASP A 38 -6.13 12.83 -4.18
C ASP A 38 -5.86 11.54 -4.94
N ILE A 39 -5.14 11.66 -6.05
CA ILE A 39 -4.72 10.50 -6.81
C ILE A 39 -3.19 10.42 -6.76
N ARG A 40 -2.65 9.21 -6.68
CA ARG A 40 -1.21 9.03 -6.50
C ARG A 40 -0.67 7.82 -7.23
N PRO A 41 0.56 7.92 -7.74
CA PRO A 41 1.24 6.75 -8.32
C PRO A 41 1.77 5.86 -7.20
N THR A 42 1.75 4.55 -7.41
CA THR A 42 2.23 3.59 -6.43
C THR A 42 3.33 2.72 -7.02
N ILE A 43 3.94 3.19 -8.10
CA ILE A 43 5.01 2.48 -8.78
C ILE A 43 5.88 3.52 -9.48
N PRO A 44 7.21 3.33 -9.47
CA PRO A 44 8.15 4.34 -9.99
C PRO A 44 7.84 4.91 -11.37
N PHE A 45 7.55 4.07 -12.36
CA PHE A 45 7.37 4.57 -13.72
C PHE A 45 6.16 5.50 -13.87
N MET A 46 5.25 5.47 -12.90
CA MET A 46 4.07 6.34 -12.92
C MET A 46 4.31 7.66 -12.19
N ILE A 47 5.41 7.76 -11.48
CA ILE A 47 5.74 8.99 -10.77
C ILE A 47 6.12 10.08 -11.78
N GLY A 48 5.43 11.21 -11.70
CA GLY A 48 5.66 12.30 -12.62
C GLY A 48 4.70 12.33 -13.79
N ASP A 49 3.88 11.29 -13.91
CA ASP A 49 2.91 11.21 -15.01
C ASP A 49 1.89 12.35 -14.98
N GLU A 50 1.69 12.99 -16.12
CA GLU A 50 0.78 14.12 -16.23
C GLU A 50 -0.36 13.83 -17.20
N ILE A 51 -0.41 12.59 -17.69
CA ILE A 51 -1.40 12.22 -18.69
C ILE A 51 -2.51 11.37 -18.09
N PHE A 52 -2.14 10.28 -17.42
CA PHE A 52 -3.11 9.34 -16.88
C PHE A 52 -3.70 9.78 -15.54
N LEU A 53 -2.85 10.29 -14.65
CA LEU A 53 -3.28 10.70 -13.32
C LEU A 53 -4.42 11.74 -13.31
N PRO A 54 -4.26 12.87 -14.02
CA PRO A 54 -5.39 13.82 -13.99
C PRO A 54 -6.61 13.32 -14.75
N PHE A 55 -6.41 12.46 -15.74
CA PHE A 55 -7.53 11.85 -16.44
C PHE A 55 -8.36 10.97 -15.49
N TYR A 56 -7.67 10.05 -14.81
CA TYR A 56 -8.36 9.13 -13.91
C TYR A 56 -9.00 9.87 -12.74
N LYS A 57 -8.33 10.90 -12.24
CA LYS A 57 -8.85 11.70 -11.14
C LYS A 57 -10.22 12.26 -11.47
N ASN A 58 -10.37 12.74 -12.70
CA ASN A 58 -11.66 13.26 -13.15
C ASN A 58 -12.69 12.16 -13.33
N VAL A 59 -12.28 11.05 -13.95
CA VAL A 59 -13.17 9.90 -14.15
C VAL A 59 -13.69 9.36 -12.82
N PHE A 60 -12.78 9.14 -11.88
CA PHE A 60 -13.12 8.56 -10.59
C PHE A 60 -14.05 9.48 -9.81
N SER A 61 -13.77 10.78 -9.85
CA SER A 61 -14.60 11.77 -9.17
C SER A 61 -16.01 11.82 -9.76
N GLU A 62 -16.09 11.78 -11.08
CA GLU A 62 -17.37 11.72 -11.78
C GLU A 62 -18.17 10.48 -11.38
N PHE A 63 -17.47 9.35 -11.32
CA PHE A 63 -18.10 8.07 -11.01
C PHE A 63 -18.79 8.09 -9.65
N PHE A 64 -18.11 8.61 -8.63
CA PHE A 64 -18.64 8.60 -7.27
C PHE A 64 -19.65 9.71 -7.00
N SER A 65 -19.37 10.91 -7.51
CA SER A 65 -20.21 12.06 -7.22
C SER A 65 -21.60 11.97 -7.84
N LEU A 66 -21.73 11.22 -8.93
CA LEU A 66 -23.00 11.13 -9.63
C LEU A 66 -23.82 9.92 -9.21
N PHE A 67 -23.29 9.13 -8.28
CA PHE A 67 -24.04 8.01 -7.71
C PHE A 67 -25.14 8.53 -6.80
N ARG A 68 -26.39 8.23 -7.14
CA ARG A 68 -27.54 8.69 -6.36
C ARG A 68 -27.83 7.73 -5.22
N ARG A 69 -27.45 8.13 -4.01
CA ARG A 69 -27.58 7.25 -2.85
C ARG A 69 -28.73 7.67 -1.94
N VAL A 70 -29.28 6.68 -1.23
CA VAL A 70 -30.29 6.92 -0.21
C VAL A 70 -29.61 6.80 1.15
N PRO A 71 -30.22 7.35 2.20
CA PRO A 71 -29.66 7.17 3.54
C PRO A 71 -29.60 5.70 3.94
N THR A 72 -28.45 5.27 4.46
CA THR A 72 -28.24 3.88 4.81
C THR A 72 -29.01 3.46 6.06
N SER A 73 -29.57 2.26 6.04
CA SER A 73 -30.26 1.72 7.19
C SER A 73 -29.26 1.15 8.18
N THR A 74 -28.25 0.47 7.65
CA THR A 74 -27.15 -0.05 8.46
C THR A 74 -26.10 1.05 8.65
N PRO A 75 -25.33 0.99 9.74
CA PRO A 75 -24.34 2.04 10.00
C PRO A 75 -23.20 2.04 8.98
N TYR A 76 -22.98 0.91 8.31
CA TYR A 76 -21.89 0.81 7.34
C TYR A 76 -22.29 -0.01 6.12
N GLU A 77 -22.01 0.54 4.94
CA GLU A 77 -22.23 -0.17 3.68
C GLU A 77 -21.01 -0.02 2.78
N ASP A 78 -20.47 -1.15 2.33
CA ASP A 78 -19.32 -1.13 1.44
C ASP A 78 -19.71 -1.65 0.06
N LEU A 79 -19.66 -0.79 -0.93
CA LEU A 79 -20.04 -1.14 -2.30
C LEU A 79 -18.80 -1.24 -3.18
N THR A 80 -18.66 -2.37 -3.87
CA THR A 80 -17.51 -2.59 -4.72
C THR A 80 -17.94 -2.79 -6.18
N TYR A 81 -17.21 -2.16 -7.08
CA TYR A 81 -17.38 -2.39 -8.51
C TYR A 81 -16.01 -2.64 -9.13
N PHE A 82 -15.85 -3.82 -9.71
CA PHE A 82 -14.58 -4.20 -10.33
C PHE A 82 -14.73 -4.19 -11.84
N TYR A 83 -13.76 -3.58 -12.52
CA TYR A 83 -13.77 -3.54 -13.97
C TYR A 83 -12.39 -3.83 -14.54
N GLU A 84 -12.33 -4.70 -15.52
CA GLU A 84 -11.05 -5.11 -16.08
C GLU A 84 -11.15 -5.34 -17.58
N CYS A 85 -10.18 -4.81 -18.32
CA CYS A 85 -10.04 -5.16 -19.72
C CYS A 85 -8.77 -5.98 -19.91
N ASP A 86 -8.77 -6.82 -20.93
CA ASP A 86 -7.66 -7.73 -21.16
C ASP A 86 -7.31 -7.73 -22.64
N TYR A 87 -6.02 -7.65 -22.93
CA TYR A 87 -5.56 -7.76 -24.30
C TYR A 87 -4.54 -8.89 -24.41
N THR A 88 -4.97 -9.99 -25.02
CA THR A 88 -4.14 -11.17 -25.16
C THR A 88 -4.33 -11.76 -26.55
N ASP A 89 -3.21 -12.02 -27.25
CA ASP A 89 -3.24 -12.56 -28.60
C ASP A 89 -4.11 -11.70 -29.53
N ASN A 90 -3.86 -10.40 -29.52
CA ASN A 90 -4.61 -9.45 -30.35
C ASN A 90 -6.13 -9.55 -30.18
N LYS A 91 -6.57 -9.84 -28.96
CA LYS A 91 -7.98 -10.01 -28.67
C LYS A 91 -8.38 -9.27 -27.39
N SER A 92 -9.41 -8.44 -27.50
CA SER A 92 -9.87 -7.62 -26.36
C SER A 92 -11.03 -8.28 -25.62
N THR A 93 -10.81 -8.59 -24.35
CA THR A 93 -11.87 -9.13 -23.50
C THR A 93 -12.08 -8.26 -22.27
N PHE A 94 -13.24 -8.44 -21.63
CA PHE A 94 -13.63 -7.59 -20.51
C PHE A 94 -14.31 -8.40 -19.41
N ASP A 95 -14.18 -7.94 -18.18
CA ASP A 95 -14.81 -8.60 -17.05
C ASP A 95 -15.18 -7.57 -15.99
N GLN A 96 -16.33 -7.77 -15.36
CA GLN A 96 -16.78 -6.88 -14.30
C GLN A 96 -17.66 -7.62 -13.31
N PHE A 97 -17.63 -7.18 -12.05
CA PHE A 97 -18.56 -7.72 -11.05
C PHE A 97 -18.85 -6.72 -9.94
N TYR A 98 -19.81 -7.08 -9.09
CA TYR A 98 -20.31 -6.18 -8.06
C TYR A 98 -20.27 -6.88 -6.71
N LEU A 99 -19.87 -6.16 -5.68
CA LEU A 99 -19.84 -6.73 -4.34
C LEU A 99 -20.61 -5.84 -3.37
N TYR A 100 -21.37 -6.46 -2.47
CA TYR A 100 -22.00 -5.74 -1.38
C TYR A 100 -21.46 -6.26 -0.07
N ASN A 101 -20.75 -5.41 0.67
CA ASN A 101 -20.06 -5.81 1.89
C ASN A 101 -19.14 -7.01 1.69
N GLY A 102 -18.55 -7.12 0.50
CA GLY A 102 -17.63 -8.20 0.19
C GLY A 102 -18.24 -9.35 -0.57
N GLU A 103 -19.56 -9.37 -0.67
CA GLU A 103 -20.27 -10.49 -1.29
C GLU A 103 -20.76 -10.17 -2.69
N GLU A 104 -20.40 -11.01 -3.65
CA GLU A 104 -20.83 -10.80 -5.02
C GLU A 104 -22.32 -11.02 -5.20
N TYR A 105 -22.93 -10.16 -6.01
CA TYR A 105 -24.35 -10.27 -6.34
C TYR A 105 -24.59 -9.83 -7.77
N THR A 106 -25.65 -10.34 -8.38
CA THR A 106 -25.92 -10.08 -9.80
C THR A 106 -27.38 -9.72 -10.06
N VAL A 107 -28.24 -10.01 -9.11
CA VAL A 107 -29.68 -9.86 -9.31
C VAL A 107 -30.23 -8.54 -8.77
N LYS A 108 -30.92 -7.80 -9.64
CA LYS A 108 -31.55 -6.54 -9.26
C LYS A 108 -32.92 -6.80 -8.65
N THR A 109 -33.22 -6.16 -7.53
CA THR A 109 -34.51 -6.31 -6.87
C THR A 109 -35.43 -5.12 -7.12
N GLN A 110 -36.65 -5.21 -6.61
CA GLN A 110 -37.68 -4.21 -6.87
C GLN A 110 -37.77 -3.15 -5.76
N GLU A 111 -36.67 -2.93 -5.05
CA GLU A 111 -36.65 -1.96 -3.97
C GLU A 111 -35.56 -0.91 -4.14
N ALA A 112 -35.75 0.25 -3.52
CA ALA A 112 -34.83 1.37 -3.67
C ALA A 112 -33.74 1.37 -2.60
N THR A 113 -32.67 0.64 -2.87
CA THR A 113 -31.55 0.58 -1.94
C THR A 113 -30.26 0.96 -2.66
N ASN A 114 -29.24 1.33 -1.89
CA ASN A 114 -27.93 1.60 -2.45
C ASN A 114 -27.38 0.40 -3.19
N LYS A 115 -27.57 -0.79 -2.61
CA LYS A 115 -27.13 -2.03 -3.22
C LYS A 115 -27.71 -2.22 -4.62
N ASN A 116 -28.99 -1.90 -4.78
CA ASN A 116 -29.68 -2.02 -6.06
C ASN A 116 -29.28 -0.94 -7.07
N MET A 117 -29.20 0.30 -6.59
CA MET A 117 -28.80 1.41 -7.44
C MET A 117 -27.36 1.23 -7.93
N TRP A 118 -26.51 0.73 -7.05
CA TRP A 118 -25.11 0.46 -7.37
C TRP A 118 -25.01 -0.53 -8.52
N LEU A 119 -25.74 -1.64 -8.40
CA LEU A 119 -25.74 -2.69 -9.40
C LEU A 119 -26.34 -2.20 -10.72
N THR A 120 -27.35 -1.34 -10.61
CA THR A 120 -28.10 -0.89 -11.78
C THR A 120 -27.37 0.17 -12.60
N THR A 121 -26.56 1.00 -11.94
CA THR A 121 -26.04 2.20 -12.58
C THR A 121 -24.51 2.26 -12.76
N SER A 122 -23.78 1.44 -12.01
CA SER A 122 -22.31 1.54 -12.00
C SER A 122 -21.64 1.42 -13.37
N GLU A 123 -21.99 0.39 -14.13
CA GLU A 123 -21.39 0.18 -15.44
C GLU A 123 -21.69 1.34 -16.38
N PHE A 124 -22.96 1.71 -16.44
CA PHE A 124 -23.42 2.82 -17.27
C PHE A 124 -22.75 4.13 -16.87
N ARG A 125 -22.57 4.31 -15.56
CA ARG A 125 -21.97 5.54 -15.05
C ARG A 125 -20.50 5.65 -15.45
N LEU A 126 -19.75 4.58 -15.27
CA LEU A 126 -18.34 4.57 -15.63
C LEU A 126 -18.14 4.75 -17.13
N LYS A 127 -18.91 4.00 -17.92
CA LYS A 127 -18.76 3.98 -19.37
C LYS A 127 -19.01 5.35 -20.02
N LYS A 128 -19.64 6.24 -19.28
CA LYS A 128 -19.89 7.60 -19.76
C LYS A 128 -18.59 8.36 -19.99
N TRP A 129 -17.55 8.03 -19.21
CA TRP A 129 -16.27 8.72 -19.32
C TRP A 129 -15.12 7.78 -19.62
N PHE A 130 -15.38 6.48 -19.58
CA PHE A 130 -14.32 5.50 -19.73
C PHE A 130 -14.93 4.15 -20.11
N ASP A 131 -14.95 3.87 -21.41
CA ASP A 131 -15.53 2.62 -21.91
C ASP A 131 -14.47 1.58 -22.20
N GLY A 132 -14.90 0.45 -22.75
CA GLY A 132 -14.00 -0.65 -23.05
C GLY A 132 -12.90 -0.28 -24.03
N GLU A 133 -13.26 0.47 -25.06
CA GLU A 133 -12.29 0.95 -26.04
C GLU A 133 -11.22 1.81 -25.38
N ASP A 134 -11.64 2.69 -24.49
CA ASP A 134 -10.70 3.53 -23.74
C ASP A 134 -9.77 2.65 -22.91
N CYS A 135 -10.35 1.65 -22.25
CA CYS A 135 -9.60 0.77 -21.37
C CYS A 135 -8.48 0.04 -22.11
N ILE A 136 -8.79 -0.47 -23.29
CA ILE A 136 -7.81 -1.17 -24.12
C ILE A 136 -6.70 -0.22 -24.55
N MET A 137 -7.07 0.97 -24.99
CA MET A 137 -6.07 1.98 -25.37
C MET A 137 -5.14 2.31 -24.22
N HIS A 138 -5.72 2.59 -23.06
CA HIS A 138 -4.94 2.87 -21.87
C HIS A 138 -4.01 1.71 -21.54
N LEU A 139 -4.58 0.51 -21.52
CA LEU A 139 -3.82 -0.71 -21.23
C LEU A 139 -2.57 -0.84 -22.10
N ARG A 140 -2.75 -0.81 -23.42
CA ARG A 140 -1.63 -0.93 -24.34
C ARG A 140 -0.66 0.25 -24.21
N SER A 141 -1.19 1.44 -23.97
CA SER A 141 -0.34 2.61 -23.76
C SER A 141 0.47 2.49 -22.48
N LEU A 142 -0.15 1.96 -21.43
CA LEU A 142 0.53 1.80 -20.15
C LEU A 142 1.62 0.73 -20.20
N VAL A 143 1.32 -0.37 -20.88
CA VAL A 143 2.30 -1.44 -21.07
C VAL A 143 3.56 -0.92 -21.76
N ARG A 144 3.37 -0.14 -22.82
CA ARG A 144 4.48 0.44 -23.55
C ARG A 144 5.26 1.43 -22.67
N LYS A 145 4.51 2.26 -21.94
CA LYS A 145 5.11 3.27 -21.07
C LYS A 145 6.00 2.61 -20.00
N MET A 146 5.53 1.51 -19.44
CA MET A 146 6.31 0.79 -18.44
C MET A 146 7.57 0.19 -19.06
N GLU A 147 7.44 -0.40 -20.24
CA GLU A 147 8.57 -1.00 -20.94
C GLU A 147 9.62 0.04 -21.37
N ASP A 148 9.17 1.22 -21.77
CA ASP A 148 10.07 2.26 -22.25
C ASP A 148 10.63 3.12 -21.12
N SER A 149 10.09 2.96 -19.92
CA SER A 149 10.45 3.84 -18.81
C SER A 149 11.87 3.64 -18.33
N LYS A 150 12.45 4.72 -17.79
CA LYS A 150 13.73 4.65 -17.11
C LYS A 150 13.52 4.12 -15.69
N ARG A 151 12.27 3.85 -15.36
CA ARG A 151 11.88 3.24 -14.09
C ARG A 151 12.29 4.07 -12.88
N GLY B 2 9.03 -23.63 -3.45
CA GLY B 2 8.16 -23.56 -2.29
C GLY B 2 7.44 -22.23 -2.17
N HIS B 3 6.63 -22.08 -1.13
CA HIS B 3 5.86 -20.87 -0.91
C HIS B 3 5.78 -20.55 0.57
N LYS B 4 5.46 -19.30 0.90
CA LYS B 4 5.31 -18.91 2.29
C LYS B 4 4.18 -17.90 2.49
N LEU B 5 3.49 -18.03 3.61
CA LEU B 5 2.39 -17.14 3.96
C LEU B 5 2.71 -16.47 5.28
N ALA B 6 2.77 -15.14 5.27
CA ALA B 6 3.22 -14.40 6.44
C ALA B 6 2.17 -13.43 6.98
N PHE B 7 2.09 -13.34 8.29
CA PHE B 7 1.14 -12.44 8.94
C PHE B 7 1.88 -11.46 9.83
N ASN B 8 1.79 -10.17 9.51
CA ASN B 8 2.43 -9.15 10.33
C ASN B 8 1.41 -8.37 11.16
N PHE B 9 1.38 -8.67 12.46
CA PHE B 9 0.47 -8.02 13.38
C PHE B 9 1.12 -6.79 14.01
N ASN B 10 0.40 -5.67 14.03
CA ASN B 10 0.89 -4.47 14.69
C ASN B 10 -0.14 -3.86 15.62
N LEU B 11 0.28 -3.58 16.85
CA LEU B 11 -0.58 -2.90 17.82
C LEU B 11 0.09 -1.63 18.31
N GLU B 12 -0.55 -0.50 18.03
CA GLU B 12 -0.08 0.78 18.51
C GLU B 12 -0.91 1.23 19.71
N ILE B 13 -0.24 1.50 20.82
CA ILE B 13 -0.93 1.93 22.04
C ILE B 13 -0.66 3.40 22.34
N ASN B 14 -1.70 4.23 22.17
CA ASN B 14 -1.60 5.65 22.45
C ASN B 14 -2.46 6.02 23.66
N GLY B 15 -1.86 5.97 24.85
CA GLY B 15 -2.59 6.22 26.07
C GLY B 15 -3.57 5.11 26.36
N SER B 16 -4.87 5.41 26.22
CA SER B 16 -5.90 4.40 26.41
C SER B 16 -6.51 4.00 25.07
N ASP B 17 -6.04 4.63 23.99
CA ASP B 17 -6.50 4.32 22.65
C ASP B 17 -5.59 3.30 21.98
N THR B 18 -6.17 2.49 21.10
CA THR B 18 -5.40 1.48 20.38
C THR B 18 -5.72 1.48 18.89
N HIS B 19 -4.67 1.37 18.07
CA HIS B 19 -4.84 1.18 16.64
C HIS B 19 -4.11 -0.09 16.22
N SER B 20 -4.85 -1.01 15.60
CA SER B 20 -4.26 -2.30 15.23
C SER B 20 -4.31 -2.54 13.72
N THR B 21 -3.23 -3.08 13.17
CA THR B 21 -3.17 -3.42 11.76
C THR B 21 -2.61 -4.83 11.56
N VAL B 22 -3.04 -5.48 10.48
CA VAL B 22 -2.46 -6.74 10.06
C VAL B 22 -2.21 -6.71 8.56
N ASP B 23 -1.02 -7.13 8.16
CA ASP B 23 -0.72 -7.29 6.74
C ASP B 23 -0.41 -8.74 6.45
N VAL B 24 -1.00 -9.27 5.38
CA VAL B 24 -0.79 -10.65 4.99
C VAL B 24 0.00 -10.69 3.70
N TYR B 25 1.10 -11.43 3.70
CA TYR B 25 1.98 -11.51 2.55
C TYR B 25 2.06 -12.94 2.01
N LEU B 26 1.87 -13.07 0.70
CA LEU B 26 2.06 -14.35 0.04
C LEU B 26 3.29 -14.25 -0.86
N ASP B 27 4.34 -14.96 -0.49
CA ASP B 27 5.63 -14.89 -1.19
C ASP B 27 6.13 -13.46 -1.34
N ASP B 28 6.17 -12.74 -0.21
CA ASP B 28 6.66 -11.36 -0.16
C ASP B 28 5.80 -10.36 -0.91
N SER B 29 4.59 -10.77 -1.30
CA SER B 29 3.62 -9.86 -1.90
C SER B 29 2.43 -9.68 -0.97
N GLN B 30 2.08 -8.44 -0.69
CA GLN B 30 0.93 -8.15 0.15
C GLN B 30 -0.36 -8.48 -0.57
N ILE B 31 -1.20 -9.31 0.04
CA ILE B 31 -2.45 -9.72 -0.59
C ILE B 31 -3.69 -9.25 0.18
N ILE B 32 -3.50 -9.00 1.47
CA ILE B 32 -4.59 -8.60 2.36
C ILE B 32 -4.07 -7.60 3.38
N THR B 33 -4.88 -6.60 3.71
CA THR B 33 -4.55 -5.69 4.81
C THR B 33 -5.76 -5.45 5.71
N PHE B 34 -5.50 -5.19 6.99
CA PHE B 34 -6.55 -5.02 7.99
C PHE B 34 -6.21 -3.80 8.84
N ASP B 35 -7.21 -2.99 9.15
CA ASP B 35 -6.96 -1.70 9.81
C ASP B 35 -7.62 -1.55 11.17
N GLY B 36 -8.09 -2.66 11.73
CA GLY B 36 -8.71 -2.64 13.04
C GLY B 36 -10.21 -2.88 12.98
N LYS B 37 -10.84 -2.40 11.91
CA LYS B 37 -12.29 -2.53 11.75
C LYS B 37 -12.64 -3.20 10.43
N ASP B 38 -11.87 -2.89 9.39
CA ASP B 38 -12.17 -3.39 8.06
C ASP B 38 -11.01 -4.18 7.46
N ILE B 39 -11.35 -5.12 6.58
CA ILE B 39 -10.36 -5.91 5.88
C ILE B 39 -10.56 -5.71 4.38
N ARG B 40 -9.48 -5.78 3.62
CA ARG B 40 -9.57 -5.57 2.19
C ARG B 40 -8.44 -6.26 1.43
N PRO B 41 -8.71 -6.70 0.19
CA PRO B 41 -7.67 -7.30 -0.64
C PRO B 41 -6.75 -6.23 -1.21
N THR B 42 -5.50 -6.59 -1.48
CA THR B 42 -4.54 -5.65 -2.05
C THR B 42 -3.91 -6.24 -3.29
N ILE B 43 -4.59 -7.21 -3.89
CA ILE B 43 -4.11 -7.87 -5.10
C ILE B 43 -5.33 -8.42 -5.83
N PRO B 44 -5.34 -8.32 -7.17
CA PRO B 44 -6.51 -8.68 -7.98
C PRO B 44 -7.16 -10.04 -7.68
N PHE B 45 -6.38 -11.11 -7.54
CA PHE B 45 -6.98 -12.44 -7.38
C PHE B 45 -7.76 -12.59 -6.08
N MET B 46 -7.52 -11.70 -5.12
CA MET B 46 -8.21 -11.73 -3.83
C MET B 46 -9.46 -10.85 -3.80
N ILE B 47 -9.64 -10.05 -4.85
CA ILE B 47 -10.83 -9.21 -4.94
C ILE B 47 -12.06 -10.05 -5.24
N GLY B 48 -13.08 -9.92 -4.39
CA GLY B 48 -14.29 -10.72 -4.53
C GLY B 48 -14.22 -12.00 -3.71
N ASP B 49 -13.12 -12.21 -3.01
CA ASP B 49 -12.98 -13.40 -2.16
C ASP B 49 -13.90 -13.32 -0.95
N GLU B 50 -14.74 -14.34 -0.78
CA GLU B 50 -15.71 -14.37 0.31
C GLU B 50 -15.35 -15.43 1.35
N ILE B 51 -14.22 -16.09 1.15
CA ILE B 51 -13.83 -17.21 2.00
C ILE B 51 -12.74 -16.82 3.01
N PHE B 52 -11.65 -16.26 2.51
CA PHE B 52 -10.52 -15.91 3.37
C PHE B 52 -10.73 -14.61 4.12
N LEU B 53 -11.28 -13.61 3.44
CA LEU B 53 -11.44 -12.27 4.02
C LEU B 53 -12.27 -12.23 5.32
N PRO B 54 -13.51 -12.78 5.31
CA PRO B 54 -14.25 -12.74 6.57
C PRO B 54 -13.65 -13.62 7.66
N PHE B 55 -12.98 -14.71 7.26
CA PHE B 55 -12.33 -15.58 8.22
C PHE B 55 -11.21 -14.82 8.93
N TYR B 56 -10.33 -14.20 8.17
CA TYR B 56 -9.20 -13.45 8.73
C TYR B 56 -9.68 -12.26 9.56
N LYS B 57 -10.73 -11.59 9.09
CA LYS B 57 -11.30 -10.45 9.81
C LYS B 57 -11.69 -10.85 11.23
N ASN B 58 -12.32 -12.02 11.35
CA ASN B 58 -12.68 -12.55 12.65
C ASN B 58 -11.45 -12.91 13.48
N VAL B 59 -10.51 -13.63 12.87
CA VAL B 59 -9.28 -14.03 13.55
C VAL B 59 -8.51 -12.82 14.06
N PHE B 60 -8.34 -11.82 13.19
CA PHE B 60 -7.58 -10.63 13.56
C PHE B 60 -8.25 -9.86 14.69
N SER B 61 -9.56 -9.71 14.60
CA SER B 61 -10.34 -8.99 15.60
C SER B 61 -10.27 -9.68 16.96
N GLU B 62 -10.37 -11.00 16.94
CA GLU B 62 -10.25 -11.78 18.17
C GLU B 62 -8.85 -11.64 18.77
N PHE B 63 -7.84 -11.62 17.90
CA PHE B 63 -6.44 -11.54 18.31
C PHE B 63 -6.14 -10.26 19.10
N PHE B 64 -6.66 -9.14 18.62
CA PHE B 64 -6.40 -7.85 19.28
C PHE B 64 -7.32 -7.59 20.47
N SER B 65 -8.56 -8.06 20.38
CA SER B 65 -9.54 -7.83 21.44
C SER B 65 -9.19 -8.61 22.70
N LEU B 66 -8.53 -9.75 22.54
CA LEU B 66 -8.19 -10.60 23.68
C LEU B 66 -6.92 -10.15 24.41
N PHE B 67 -6.19 -9.20 23.83
CA PHE B 67 -4.97 -8.73 24.47
C PHE B 67 -5.26 -7.83 25.66
N ARG B 68 -4.83 -8.26 26.84
CA ARG B 68 -5.04 -7.50 28.06
C ARG B 68 -3.90 -6.51 28.29
N ARG B 69 -4.18 -5.24 28.06
CA ARG B 69 -3.17 -4.18 28.18
C ARG B 69 -3.13 -3.59 29.58
N VAL B 70 -1.98 -3.02 29.94
CA VAL B 70 -1.83 -2.30 31.20
C VAL B 70 -1.65 -0.82 30.89
N PRO B 71 -1.96 0.07 31.85
CA PRO B 71 -1.78 1.51 31.63
C PRO B 71 -0.35 1.88 31.22
N THR B 72 -0.22 2.49 30.05
CA THR B 72 1.09 2.77 29.46
C THR B 72 1.80 3.94 30.14
N SER B 73 3.13 3.82 30.26
CA SER B 73 3.95 4.88 30.82
C SER B 73 4.48 5.77 29.70
N THR B 74 4.68 5.18 28.53
CA THR B 74 5.17 5.90 27.36
C THR B 74 3.99 6.41 26.53
N PRO B 75 4.19 7.56 25.85
CA PRO B 75 3.13 8.12 25.00
C PRO B 75 2.79 7.22 23.82
N TYR B 76 3.81 6.65 23.18
CA TYR B 76 3.61 5.79 22.03
C TYR B 76 4.28 4.43 22.24
N GLU B 77 3.62 3.37 21.77
CA GLU B 77 4.14 2.03 21.91
C GLU B 77 3.70 1.17 20.73
N ASP B 78 4.67 0.60 20.01
CA ASP B 78 4.37 -0.19 18.82
C ASP B 78 4.80 -1.65 18.99
N LEU B 79 3.83 -2.52 19.19
CA LEU B 79 4.09 -3.94 19.37
C LEU B 79 3.86 -4.70 18.07
N THR B 80 4.84 -5.51 17.68
CA THR B 80 4.74 -6.29 16.45
C THR B 80 4.84 -7.79 16.70
N TYR B 81 3.93 -8.54 16.10
CA TYR B 81 4.02 -9.99 16.10
C TYR B 81 3.97 -10.48 14.67
N PHE B 82 5.00 -11.22 14.27
CA PHE B 82 5.10 -11.72 12.91
C PHE B 82 4.98 -13.24 12.96
N TYR B 83 4.08 -13.78 12.14
CA TYR B 83 3.90 -15.22 12.07
C TYR B 83 3.94 -15.68 10.63
N GLU B 84 4.62 -16.79 10.39
CA GLU B 84 4.84 -17.26 9.03
C GLU B 84 4.86 -18.78 8.95
N CYS B 85 4.22 -19.33 7.93
CA CYS B 85 4.34 -20.76 7.64
C CYS B 85 4.88 -20.94 6.23
N ASP B 86 5.58 -22.04 6.02
CA ASP B 86 6.28 -22.27 4.76
C ASP B 86 6.08 -23.71 4.29
N TYR B 87 5.77 -23.87 3.01
CA TYR B 87 5.68 -25.20 2.44
C TYR B 87 6.62 -25.33 1.24
N THR B 88 7.79 -25.92 1.49
CA THR B 88 8.79 -26.10 0.46
C THR B 88 9.25 -27.55 0.42
N ASP B 89 9.25 -28.13 -0.78
CA ASP B 89 9.69 -29.51 -0.99
C ASP B 89 8.92 -30.48 -0.09
N ASN B 90 7.60 -30.33 -0.09
CA ASN B 90 6.71 -31.17 0.71
C ASN B 90 7.03 -31.17 2.21
N LYS B 91 7.59 -30.07 2.68
CA LYS B 91 7.95 -29.93 4.10
C LYS B 91 7.38 -28.64 4.68
N SER B 92 6.73 -28.77 5.84
CA SER B 92 6.10 -27.62 6.50
C SER B 92 6.96 -27.07 7.63
N THR B 93 7.35 -25.81 7.50
CA THR B 93 8.10 -25.14 8.56
C THR B 93 7.42 -23.84 8.96
N PHE B 94 7.75 -23.35 10.15
CA PHE B 94 7.10 -22.17 10.71
C PHE B 94 8.12 -21.24 11.34
N ASP B 95 7.74 -19.97 11.48
CA ASP B 95 8.62 -19.00 12.10
C ASP B 95 7.80 -17.87 12.70
N GLN B 96 8.28 -17.34 13.82
CA GLN B 96 7.64 -16.21 14.47
C GLN B 96 8.64 -15.39 15.27
N PHE B 97 8.37 -14.09 15.39
CA PHE B 97 9.18 -13.23 16.26
C PHE B 97 8.41 -12.03 16.78
N TYR B 98 9.01 -11.31 17.72
CA TYR B 98 8.34 -10.22 18.42
C TYR B 98 9.18 -8.95 18.35
N LEU B 99 8.53 -7.82 18.12
CA LEU B 99 9.22 -6.54 18.02
C LEU B 99 8.63 -5.52 18.98
N TYR B 100 9.51 -4.75 19.62
CA TYR B 100 9.08 -3.62 20.44
C TYR B 100 9.65 -2.35 19.85
N ASN B 101 8.77 -1.52 19.30
CA ASN B 101 9.17 -0.30 18.59
C ASN B 101 10.20 -0.56 17.50
N GLY B 102 10.03 -1.67 16.79
CA GLY B 102 10.89 -2.00 15.66
C GLY B 102 12.03 -2.94 15.98
N GLU B 103 12.29 -3.14 17.27
CA GLU B 103 13.42 -3.98 17.69
C GLU B 103 13.00 -5.33 18.26
N GLU B 104 13.65 -6.38 17.77
CA GLU B 104 13.33 -7.74 18.21
C GLU B 104 13.73 -8.00 19.66
N TYR B 105 12.86 -8.70 20.38
CA TYR B 105 13.17 -9.14 21.74
C TYR B 105 12.61 -10.55 21.94
N THR B 106 13.23 -11.31 22.84
CA THR B 106 12.85 -12.70 23.05
C THR B 106 12.70 -13.06 24.53
N VAL B 107 13.28 -12.22 25.39
CA VAL B 107 13.32 -12.51 26.82
C VAL B 107 12.16 -11.85 27.58
N LYS B 108 11.44 -12.64 28.36
CA LYS B 108 10.37 -12.11 29.20
C LYS B 108 10.89 -11.72 30.58
N THR B 109 10.48 -10.55 31.05
CA THR B 109 10.90 -10.07 32.37
C THR B 109 9.81 -10.33 33.40
N GLN B 110 10.11 -10.05 34.66
CA GLN B 110 9.18 -10.29 35.75
C GLN B 110 8.17 -9.16 35.89
N GLU B 111 8.51 -7.99 35.35
CA GLU B 111 7.63 -6.84 35.41
C GLU B 111 6.43 -7.01 34.48
N ALA B 112 5.26 -6.59 34.93
CA ALA B 112 4.03 -6.71 34.15
C ALA B 112 3.85 -5.50 33.24
N THR B 113 4.30 -5.63 32.00
CA THR B 113 4.15 -4.56 31.02
C THR B 113 3.47 -5.08 29.76
N ASN B 114 3.11 -4.16 28.86
CA ASN B 114 2.52 -4.52 27.59
C ASN B 114 3.50 -5.33 26.75
N LYS B 115 4.77 -4.95 26.84
CA LYS B 115 5.84 -5.62 26.11
C LYS B 115 5.95 -7.09 26.50
N ASN B 116 5.90 -7.36 27.81
CA ASN B 116 5.99 -8.73 28.31
C ASN B 116 4.71 -9.52 28.08
N MET B 117 3.57 -8.86 28.23
CA MET B 117 2.27 -9.49 27.99
C MET B 117 2.15 -9.92 26.52
N TRP B 118 2.65 -9.07 25.63
CA TRP B 118 2.60 -9.32 24.19
C TRP B 118 3.46 -10.53 23.84
N LEU B 119 4.67 -10.55 24.37
CA LEU B 119 5.61 -11.64 24.15
C LEU B 119 5.07 -12.97 24.67
N THR B 120 4.35 -12.91 25.79
CA THR B 120 3.90 -14.11 26.49
C THR B 120 2.64 -14.72 25.87
N THR B 121 1.75 -13.88 25.35
CA THR B 121 0.42 -14.34 24.94
C THR B 121 0.14 -14.40 23.44
N SER B 122 0.95 -13.71 22.64
CA SER B 122 0.65 -13.54 21.21
C SER B 122 0.49 -14.85 20.45
N GLU B 123 1.47 -15.74 20.56
CA GLU B 123 1.41 -17.02 19.86
C GLU B 123 0.17 -17.81 20.30
N PHE B 124 -0.08 -17.81 21.61
CA PHE B 124 -1.22 -18.51 22.19
C PHE B 124 -2.54 -17.94 21.70
N ARG B 125 -2.69 -16.62 21.77
CA ARG B 125 -3.91 -15.96 21.34
C ARG B 125 -4.25 -16.25 19.89
N LEU B 126 -3.24 -16.25 19.03
CA LEU B 126 -3.45 -16.53 17.62
C LEU B 126 -3.81 -17.99 17.36
N LYS B 127 -3.05 -18.90 17.94
CA LYS B 127 -3.20 -20.32 17.66
C LYS B 127 -4.56 -20.93 18.03
N LYS B 128 -5.34 -20.22 18.84
CA LYS B 128 -6.64 -20.73 19.23
C LYS B 128 -7.69 -20.50 18.14
N TRP B 129 -7.36 -19.70 17.14
CA TRP B 129 -8.21 -19.53 15.97
C TRP B 129 -7.49 -19.84 14.67
N PHE B 130 -6.17 -19.92 14.75
CA PHE B 130 -5.38 -20.08 13.54
C PHE B 130 -4.03 -20.70 13.89
N ASP B 131 -3.92 -22.02 13.72
CA ASP B 131 -2.70 -22.73 14.05
C ASP B 131 -1.86 -23.01 12.81
N GLY B 132 -0.74 -23.70 13.01
CA GLY B 132 0.18 -23.99 11.92
C GLY B 132 -0.45 -24.83 10.83
N GLU B 133 -1.30 -25.76 11.23
CA GLU B 133 -1.99 -26.63 10.28
C GLU B 133 -2.95 -25.82 9.41
N ASP B 134 -3.66 -24.88 10.02
CA ASP B 134 -4.53 -23.97 9.28
C ASP B 134 -3.72 -23.16 8.28
N CYS B 135 -2.59 -22.65 8.75
CA CYS B 135 -1.74 -21.80 7.94
C CYS B 135 -1.25 -22.52 6.69
N ILE B 136 -0.84 -23.77 6.86
CA ILE B 136 -0.37 -24.58 5.73
C ILE B 136 -1.51 -24.84 4.75
N MET B 137 -2.69 -25.14 5.28
CA MET B 137 -3.86 -25.33 4.42
C MET B 137 -4.23 -24.05 3.67
N HIS B 138 -4.20 -22.92 4.38
CA HIS B 138 -4.50 -21.64 3.75
C HIS B 138 -3.46 -21.31 2.69
N LEU B 139 -2.20 -21.50 3.03
CA LEU B 139 -1.09 -21.26 2.11
C LEU B 139 -1.26 -22.00 0.80
N ARG B 140 -1.43 -23.32 0.87
CA ARG B 140 -1.53 -24.14 -0.33
C ARG B 140 -2.79 -23.80 -1.13
N SER B 141 -3.87 -23.48 -0.42
CA SER B 141 -5.12 -23.08 -1.07
C SER B 141 -4.95 -21.77 -1.83
N LEU B 142 -4.26 -20.81 -1.21
CA LEU B 142 -4.05 -19.49 -1.79
C LEU B 142 -3.14 -19.54 -3.02
N VAL B 143 -2.14 -20.42 -2.97
CA VAL B 143 -1.25 -20.59 -4.12
C VAL B 143 -2.05 -21.12 -5.31
N ARG B 144 -2.88 -22.13 -5.06
CA ARG B 144 -3.73 -22.69 -6.11
C ARG B 144 -4.73 -21.66 -6.62
N LYS B 145 -5.29 -20.87 -5.70
CA LYS B 145 -6.26 -19.84 -6.04
C LYS B 145 -5.66 -18.79 -6.98
N MET B 146 -4.45 -18.34 -6.65
CA MET B 146 -3.78 -17.33 -7.47
C MET B 146 -3.40 -17.88 -8.85
N GLU B 147 -2.98 -19.13 -8.89
CA GLU B 147 -2.58 -19.76 -10.14
C GLU B 147 -3.77 -20.06 -11.05
N ASP B 148 -4.95 -20.23 -10.46
CA ASP B 148 -6.16 -20.55 -11.22
C ASP B 148 -7.02 -19.33 -11.52
N SER B 149 -6.63 -18.19 -10.98
CA SER B 149 -7.45 -16.99 -11.06
C SER B 149 -7.49 -16.39 -12.48
N LYS B 150 -8.62 -15.80 -12.82
CA LYS B 150 -8.75 -15.06 -14.08
C LYS B 150 -8.19 -13.65 -13.91
N ARG B 151 -7.63 -13.38 -12.73
CA ARG B 151 -7.05 -12.09 -12.39
C ARG B 151 -8.08 -10.96 -12.49
N GLY C 2 19.37 -5.52 -14.58
CA GLY C 2 19.85 -4.49 -13.68
C GLY C 2 18.99 -4.35 -12.44
N HIS C 3 19.39 -3.43 -11.56
CA HIS C 3 18.64 -3.20 -10.33
C HIS C 3 18.60 -1.71 -9.98
N LYS C 4 17.51 -1.29 -9.33
CA LYS C 4 17.31 0.11 -8.97
C LYS C 4 16.84 0.28 -7.53
N LEU C 5 17.34 1.32 -6.88
CA LEU C 5 16.87 1.72 -5.56
C LEU C 5 16.39 3.15 -5.65
N ALA C 6 15.11 3.37 -5.37
CA ALA C 6 14.52 4.69 -5.56
C ALA C 6 13.88 5.24 -4.29
N PHE C 7 14.02 6.53 -4.08
CA PHE C 7 13.44 7.21 -2.94
C PHE C 7 12.51 8.31 -3.42
N ASN C 8 11.23 8.21 -3.09
CA ASN C 8 10.27 9.24 -3.48
C ASN C 8 9.82 10.08 -2.30
N PHE C 9 10.36 11.29 -2.22
CA PHE C 9 10.04 12.24 -1.16
C PHE C 9 8.84 13.09 -1.53
N ASN C 10 7.89 13.23 -0.61
CA ASN C 10 6.75 14.11 -0.81
C ASN C 10 6.50 15.02 0.38
N LEU C 11 6.28 16.30 0.09
CA LEU C 11 5.92 17.26 1.11
C LEU C 11 4.58 17.91 0.76
N GLU C 12 3.58 17.66 1.58
CA GLU C 12 2.25 18.24 1.38
C GLU C 12 2.01 19.38 2.36
N ILE C 13 1.57 20.52 1.83
CA ILE C 13 1.27 21.67 2.67
C ILE C 13 -0.22 22.01 2.62
N ASN C 14 -0.97 21.52 3.60
CA ASN C 14 -2.39 21.80 3.71
C ASN C 14 -2.65 22.95 4.67
N GLY C 15 -2.58 24.18 4.17
CA GLY C 15 -2.72 25.35 5.01
C GLY C 15 -1.46 25.60 5.81
N SER C 16 -1.54 25.39 7.13
CA SER C 16 -0.39 25.58 8.01
C SER C 16 0.22 24.26 8.46
N ASP C 17 -0.47 23.17 8.18
CA ASP C 17 0.01 21.83 8.55
C ASP C 17 0.79 21.17 7.41
N THR C 18 1.81 20.41 7.77
CA THR C 18 2.64 19.71 6.78
C THR C 18 2.61 18.20 6.97
N HIS C 19 2.44 17.48 5.87
CA HIS C 19 2.52 16.02 5.89
C HIS C 19 3.64 15.55 4.96
N SER C 20 4.67 14.97 5.55
CA SER C 20 5.83 14.51 4.79
C SER C 20 5.86 12.99 4.67
N THR C 21 6.10 12.49 3.45
CA THR C 21 6.18 11.06 3.22
C THR C 21 7.38 10.68 2.35
N VAL C 22 7.89 9.47 2.57
CA VAL C 22 8.94 8.91 1.72
C VAL C 22 8.61 7.46 1.40
N ASP C 23 8.69 7.10 0.12
CA ASP C 23 8.52 5.72 -0.28
C ASP C 23 9.81 5.19 -0.91
N VAL C 24 10.26 4.03 -0.45
CA VAL C 24 11.46 3.41 -0.98
C VAL C 24 11.10 2.24 -1.88
N TYR C 25 11.61 2.26 -3.10
CA TYR C 25 11.31 1.21 -4.07
C TYR C 25 12.55 0.41 -4.44
N LEU C 26 12.43 -0.91 -4.41
CA LEU C 26 13.49 -1.79 -4.87
C LEU C 26 13.00 -2.54 -6.09
N ASP C 27 13.61 -2.25 -7.25
CA ASP C 27 13.16 -2.81 -8.52
C ASP C 27 11.66 -2.58 -8.72
N ASP C 28 11.24 -1.35 -8.46
CA ASP C 28 9.85 -0.92 -8.62
C ASP C 28 8.87 -1.56 -7.62
N SER C 29 9.41 -2.24 -6.60
CA SER C 29 8.59 -2.76 -5.52
C SER C 29 8.83 -1.95 -4.24
N GLN C 30 7.74 -1.57 -3.58
CA GLN C 30 7.82 -0.79 -2.35
C GLN C 30 8.27 -1.66 -1.19
N ILE C 31 9.36 -1.27 -0.53
CA ILE C 31 9.90 -2.08 0.57
C ILE C 31 9.88 -1.34 1.89
N ILE C 32 9.87 -0.01 1.83
CA ILE C 32 9.92 0.82 3.03
C ILE C 32 9.03 2.06 2.82
N THR C 33 8.36 2.50 3.87
CA THR C 33 7.60 3.74 3.80
C THR C 33 7.80 4.60 5.06
N PHE C 34 7.55 5.90 4.91
CA PHE C 34 7.75 6.85 5.99
C PHE C 34 6.59 7.84 5.95
N ASP C 35 5.95 8.07 7.10
CA ASP C 35 4.73 8.88 7.12
C ASP C 35 4.92 10.21 7.86
N GLY C 36 6.15 10.55 8.19
CA GLY C 36 6.43 11.79 8.89
C GLY C 36 6.94 11.57 10.29
N LYS C 37 6.47 10.51 10.93
CA LYS C 37 6.88 10.19 12.30
C LYS C 37 7.40 8.77 12.43
N ASP C 38 6.82 7.85 11.66
CA ASP C 38 7.20 6.44 11.75
C ASP C 38 7.67 5.87 10.42
N ILE C 39 8.78 5.15 10.48
CA ILE C 39 9.23 4.37 9.34
C ILE C 39 8.79 2.92 9.55
N ARG C 40 8.41 2.24 8.47
CA ARG C 40 7.96 0.87 8.60
C ARG C 40 8.21 0.07 7.32
N PRO C 41 8.48 -1.24 7.47
CA PRO C 41 8.70 -2.10 6.32
C PRO C 41 7.38 -2.41 5.62
N THR C 42 7.43 -2.64 4.31
CA THR C 42 6.24 -3.00 3.56
C THR C 42 6.48 -4.28 2.76
N ILE C 43 7.40 -5.08 3.26
CA ILE C 43 7.75 -6.36 2.64
C ILE C 43 8.41 -7.21 3.73
N PRO C 44 8.07 -8.52 3.78
CA PRO C 44 8.51 -9.38 4.88
C PRO C 44 10.00 -9.32 5.22
N PHE C 45 10.88 -9.38 4.22
CA PHE C 45 12.32 -9.44 4.50
C PHE C 45 12.89 -8.18 5.17
N MET C 46 12.11 -7.11 5.19
CA MET C 46 12.54 -5.87 5.83
C MET C 46 11.99 -5.73 7.25
N ILE C 47 11.07 -6.60 7.62
CA ILE C 47 10.48 -6.56 8.96
C ILE C 47 11.50 -6.93 10.03
N GLY C 48 11.70 -6.04 10.99
CA GLY C 48 12.64 -6.27 12.07
C GLY C 48 14.05 -5.79 11.79
N ASP C 49 14.24 -5.17 10.63
CA ASP C 49 15.56 -4.67 10.25
C ASP C 49 16.01 -3.52 11.14
N GLU C 50 17.21 -3.65 11.70
CA GLU C 50 17.78 -2.62 12.56
C GLU C 50 18.96 -1.94 11.89
N ILE C 51 19.11 -2.19 10.59
CA ILE C 51 20.24 -1.66 9.84
C ILE C 51 19.82 -0.50 8.94
N PHE C 52 19.02 -0.80 7.93
CA PHE C 52 18.56 0.20 6.98
C PHE C 52 17.49 1.12 7.56
N LEU C 53 16.54 0.53 8.29
CA LEU C 53 15.40 1.27 8.81
C LEU C 53 15.72 2.47 9.72
N PRO C 54 16.54 2.27 10.77
CA PRO C 54 16.79 3.43 11.63
C PRO C 54 17.64 4.49 10.93
N PHE C 55 18.58 4.06 10.10
CA PHE C 55 19.40 4.98 9.32
C PHE C 55 18.56 5.82 8.38
N TYR C 56 17.65 5.17 7.66
CA TYR C 56 16.77 5.86 6.72
C TYR C 56 15.82 6.81 7.45
N LYS C 57 15.38 6.42 8.64
CA LYS C 57 14.47 7.26 9.43
C LYS C 57 15.16 8.57 9.80
N ASN C 58 16.45 8.48 10.13
CA ASN C 58 17.24 9.68 10.42
C ASN C 58 17.46 10.52 9.17
N VAL C 59 17.81 9.88 8.07
CA VAL C 59 18.03 10.57 6.81
C VAL C 59 16.77 11.29 6.34
N PHE C 60 15.63 10.60 6.39
CA PHE C 60 14.36 11.15 5.92
C PHE C 60 13.89 12.32 6.80
N SER C 61 13.96 12.13 8.11
CA SER C 61 13.51 13.16 9.04
C SER C 61 14.38 14.41 8.95
N GLU C 62 15.66 14.21 8.63
CA GLU C 62 16.59 15.33 8.46
C GLU C 62 16.40 16.02 7.12
N PHE C 63 15.89 15.29 6.14
CA PHE C 63 15.60 15.86 4.82
C PHE C 63 14.51 16.93 4.94
N PHE C 64 13.52 16.66 5.77
CA PHE C 64 12.38 17.56 5.92
C PHE C 64 12.61 18.63 6.99
N SER C 65 13.50 18.34 7.93
CA SER C 65 13.74 19.27 9.04
C SER C 65 14.63 20.43 8.60
N LEU C 66 15.46 20.20 7.59
CA LEU C 66 16.36 21.24 7.10
C LEU C 66 15.72 22.12 6.04
N PHE C 67 14.49 21.78 5.64
CA PHE C 67 13.78 22.55 4.64
C PHE C 67 13.09 23.76 5.26
N ARG C 68 13.44 24.95 4.78
CA ARG C 68 12.86 26.19 5.29
C ARG C 68 11.70 26.64 4.42
N ARG C 69 10.50 26.62 4.98
CA ARG C 69 9.29 26.93 4.23
C ARG C 69 8.85 28.38 4.40
N VAL C 70 7.96 28.82 3.52
CA VAL C 70 7.37 30.15 3.60
C VAL C 70 5.85 30.02 3.61
N PRO C 71 5.14 31.00 4.20
CA PRO C 71 3.68 30.94 4.23
C PRO C 71 3.07 30.86 2.82
N THR C 72 2.23 29.87 2.60
CA THR C 72 1.64 29.64 1.28
C THR C 72 0.45 30.54 1.00
N SER C 73 0.44 31.16 -0.18
CA SER C 73 -0.70 31.97 -0.61
C SER C 73 -1.81 31.08 -1.13
N THR C 74 -1.42 29.98 -1.78
CA THR C 74 -2.35 28.97 -2.25
C THR C 74 -2.63 27.98 -1.12
N PRO C 75 -3.85 27.40 -1.10
CA PRO C 75 -4.21 26.48 -0.02
C PRO C 75 -3.36 25.21 0.01
N TYR C 76 -3.07 24.63 -1.15
CA TYR C 76 -2.39 23.34 -1.21
C TYR C 76 -1.16 23.35 -2.11
N GLU C 77 -0.06 22.82 -1.61
CA GLU C 77 1.15 22.65 -2.40
C GLU C 77 1.77 21.27 -2.17
N ASP C 78 1.81 20.46 -3.23
CA ASP C 78 2.45 19.15 -3.14
C ASP C 78 3.79 19.15 -3.86
N LEU C 79 4.87 18.98 -3.09
CA LEU C 79 6.21 19.03 -3.64
C LEU C 79 6.86 17.66 -3.58
N THR C 80 7.43 17.22 -4.69
CA THR C 80 8.00 15.89 -4.79
C THR C 80 9.47 15.92 -5.23
N TYR C 81 10.31 15.17 -4.53
CA TYR C 81 11.69 14.97 -4.93
C TYR C 81 11.99 13.48 -5.08
N PHE C 82 12.30 13.07 -6.30
CA PHE C 82 12.58 11.67 -6.59
C PHE C 82 14.08 11.47 -6.83
N TYR C 83 14.68 10.52 -6.11
CA TYR C 83 16.08 10.19 -6.31
C TYR C 83 16.25 8.69 -6.51
N GLU C 84 17.04 8.32 -7.52
CA GLU C 84 17.22 6.90 -7.86
C GLU C 84 18.67 6.57 -8.21
N CYS C 85 19.16 5.46 -7.67
CA CYS C 85 20.46 4.94 -8.08
C CYS C 85 20.28 3.60 -8.80
N ASP C 86 21.13 3.36 -9.79
CA ASP C 86 21.00 2.17 -10.63
C ASP C 86 22.32 1.40 -10.69
N TYR C 87 22.23 0.09 -10.81
CA TYR C 87 23.41 -0.75 -11.03
C TYR C 87 23.10 -1.81 -12.07
N THR C 88 23.53 -1.55 -13.30
CA THR C 88 23.25 -2.46 -14.41
C THR C 88 24.51 -2.76 -15.21
N ASP C 89 24.76 -4.03 -15.45
CA ASP C 89 25.95 -4.49 -16.17
C ASP C 89 27.22 -3.93 -15.54
N ASN C 90 27.29 -4.02 -14.21
CA ASN C 90 28.43 -3.52 -13.43
C ASN C 90 28.69 -2.03 -13.60
N LYS C 91 27.65 -1.29 -13.95
CA LYS C 91 27.77 0.16 -14.12
C LYS C 91 26.77 0.92 -13.23
N SER C 92 27.26 1.95 -12.56
CA SER C 92 26.44 2.72 -11.64
C SER C 92 25.99 4.05 -12.24
N THR C 93 24.68 4.23 -12.37
CA THR C 93 24.13 5.49 -12.86
C THR C 93 23.11 6.06 -11.87
N PHE C 94 22.80 7.35 -12.03
CA PHE C 94 21.89 8.03 -11.12
C PHE C 94 20.89 8.89 -11.88
N ASP C 95 19.78 9.22 -11.22
CA ASP C 95 18.76 10.06 -11.82
C ASP C 95 17.94 10.74 -10.72
N GLN C 96 17.45 11.94 -11.00
CA GLN C 96 16.63 12.67 -10.06
C GLN C 96 15.77 13.70 -10.76
N PHE C 97 14.59 13.97 -10.21
CA PHE C 97 13.73 15.02 -10.74
C PHE C 97 12.86 15.66 -9.66
N TYR C 98 12.19 16.74 -10.02
CA TYR C 98 11.43 17.54 -9.06
C TYR C 98 10.02 17.76 -9.59
N LEU C 99 9.03 17.62 -8.71
CA LEU C 99 7.64 17.80 -9.09
C LEU C 99 6.96 18.88 -8.25
N TYR C 100 6.14 19.70 -8.90
CA TYR C 100 5.27 20.63 -8.20
C TYR C 100 3.83 20.33 -8.58
N ASN C 101 3.04 19.87 -7.61
CA ASN C 101 1.68 19.42 -7.85
C ASN C 101 1.58 18.36 -8.94
N GLY C 102 2.55 17.44 -8.94
CA GLY C 102 2.54 16.34 -9.90
C GLY C 102 3.21 16.64 -11.23
N GLU C 103 3.63 17.88 -11.42
CA GLU C 103 4.24 18.29 -12.69
C GLU C 103 5.74 18.57 -12.53
N GLU C 104 6.54 17.96 -13.40
CA GLU C 104 7.98 18.11 -13.34
C GLU C 104 8.43 19.53 -13.69
N TYR C 105 9.47 20.00 -13.00
CA TYR C 105 10.06 21.30 -13.29
C TYR C 105 11.56 21.25 -13.03
N THR C 106 12.31 22.12 -13.71
CA THR C 106 13.77 22.11 -13.63
C THR C 106 14.36 23.51 -13.55
N VAL C 107 13.53 24.52 -13.81
CA VAL C 107 14.02 25.90 -13.90
C VAL C 107 13.82 26.69 -12.62
N LYS C 108 14.91 27.25 -12.10
CA LYS C 108 14.87 28.06 -10.89
C LYS C 108 14.61 29.53 -11.21
N THR C 109 13.60 30.09 -10.57
CA THR C 109 13.30 31.51 -10.71
C THR C 109 14.04 32.31 -9.62
N GLN C 110 13.98 33.63 -9.72
CA GLN C 110 14.71 34.48 -8.79
C GLN C 110 13.98 34.68 -7.47
N GLU C 111 12.65 34.58 -7.51
CA GLU C 111 11.84 34.78 -6.32
C GLU C 111 11.98 33.62 -5.34
N ALA C 112 11.79 33.92 -4.05
CA ALA C 112 11.94 32.92 -3.00
C ALA C 112 10.60 32.32 -2.59
N THR C 113 10.30 31.15 -3.14
CA THR C 113 9.09 30.41 -2.79
C THR C 113 9.44 28.99 -2.38
N ASN C 114 8.44 28.23 -1.96
CA ASN C 114 8.65 26.83 -1.58
C ASN C 114 9.15 26.00 -2.75
N LYS C 115 8.53 26.21 -3.91
CA LYS C 115 8.92 25.51 -5.13
C LYS C 115 10.39 25.71 -5.46
N ASN C 116 10.86 26.94 -5.33
CA ASN C 116 12.25 27.27 -5.59
C ASN C 116 13.18 26.75 -4.48
N MET C 117 12.73 26.89 -3.25
CA MET C 117 13.46 26.39 -2.09
C MET C 117 13.66 24.89 -2.22
N TRP C 118 12.61 24.21 -2.66
CA TRP C 118 12.63 22.77 -2.84
C TRP C 118 13.61 22.36 -3.93
N LEU C 119 13.49 23.00 -5.08
CA LEU C 119 14.32 22.70 -6.25
C LEU C 119 15.80 22.83 -5.96
N THR C 120 16.16 23.77 -5.10
CA THR C 120 17.57 24.10 -4.86
C THR C 120 18.27 23.16 -3.89
N THR C 121 17.62 22.86 -2.77
CA THR C 121 18.29 22.19 -1.65
C THR C 121 17.95 20.70 -1.49
N SER C 122 16.98 20.21 -2.24
CA SER C 122 16.50 18.83 -2.09
C SER C 122 17.60 17.79 -2.21
N GLU C 123 18.45 17.93 -3.22
CA GLU C 123 19.56 17.00 -3.41
C GLU C 123 20.55 17.10 -2.26
N PHE C 124 20.87 18.33 -1.88
CA PHE C 124 21.86 18.58 -0.82
C PHE C 124 21.42 18.00 0.53
N ARG C 125 20.16 18.20 0.86
CA ARG C 125 19.62 17.71 2.14
C ARG C 125 19.62 16.18 2.22
N LEU C 126 19.73 15.53 1.07
CA LEU C 126 19.79 14.07 1.00
C LEU C 126 21.23 13.57 0.99
N LYS C 127 22.11 14.31 0.32
CA LYS C 127 23.49 13.87 0.12
C LYS C 127 24.41 14.08 1.32
N LYS C 128 23.84 14.52 2.44
CA LYS C 128 24.65 14.80 3.63
C LYS C 128 25.26 13.54 4.23
N TRP C 129 24.42 12.56 4.55
CA TRP C 129 24.91 11.29 5.06
C TRP C 129 24.73 10.18 4.02
N PHE C 130 23.98 10.48 2.97
CA PHE C 130 23.62 9.48 1.98
C PHE C 130 23.93 9.96 0.57
N ASP C 131 25.08 9.54 0.05
CA ASP C 131 25.48 9.93 -1.31
C ASP C 131 25.29 8.79 -2.30
N GLY C 132 25.80 8.98 -3.52
CA GLY C 132 25.65 8.01 -4.59
C GLY C 132 26.34 6.69 -4.31
N GLU C 133 27.52 6.75 -3.71
CA GLU C 133 28.28 5.55 -3.40
C GLU C 133 27.57 4.72 -2.33
N ASP C 134 26.96 5.40 -1.37
CA ASP C 134 26.19 4.73 -0.33
C ASP C 134 24.99 4.02 -0.93
N CYS C 135 24.29 4.72 -1.82
CA CYS C 135 23.08 4.20 -2.44
C CYS C 135 23.33 2.90 -3.21
N ILE C 136 24.39 2.89 -4.00
CA ILE C 136 24.77 1.70 -4.76
C ILE C 136 25.08 0.52 -3.83
N MET C 137 25.73 0.82 -2.71
CA MET C 137 26.04 -0.21 -1.71
C MET C 137 24.76 -0.78 -1.10
N HIS C 138 23.86 0.11 -0.69
CA HIS C 138 22.57 -0.31 -0.14
C HIS C 138 21.79 -1.12 -1.16
N LEU C 139 21.82 -0.66 -2.41
CA LEU C 139 21.14 -1.34 -3.50
C LEU C 139 21.57 -2.80 -3.64
N ARG C 140 22.88 -3.03 -3.72
CA ARG C 140 23.41 -4.37 -3.88
C ARG C 140 23.22 -5.22 -2.62
N SER C 141 23.23 -4.56 -1.46
CA SER C 141 22.97 -5.24 -0.20
C SER C 141 21.51 -5.69 -0.13
N LEU C 142 20.61 -4.80 -0.52
CA LEU C 142 19.18 -5.09 -0.48
C LEU C 142 18.77 -6.10 -1.54
N VAL C 143 19.48 -6.09 -2.67
CA VAL C 143 19.16 -7.01 -3.76
C VAL C 143 19.36 -8.47 -3.34
N ARG C 144 20.50 -8.77 -2.72
CA ARG C 144 20.75 -10.13 -2.22
C ARG C 144 19.77 -10.48 -1.12
N LYS C 145 19.47 -9.49 -0.27
CA LYS C 145 18.50 -9.65 0.80
C LYS C 145 17.15 -10.04 0.23
N MET C 146 16.81 -9.43 -0.92
CA MET C 146 15.59 -9.79 -1.64
C MET C 146 15.74 -11.15 -2.31
N GLU C 147 16.91 -11.40 -2.89
CA GLU C 147 17.16 -12.64 -3.61
C GLU C 147 17.18 -13.85 -2.69
N ASP C 148 17.57 -13.64 -1.44
CA ASP C 148 17.63 -14.72 -0.46
C ASP C 148 16.24 -15.21 -0.03
N SER C 149 15.32 -14.28 0.17
CA SER C 149 13.96 -14.63 0.58
C SER C 149 13.18 -15.25 -0.57
N LYS C 150 13.64 -14.98 -1.79
CA LYS C 150 12.97 -15.47 -2.99
C LYS C 150 13.53 -16.83 -3.41
N ARG C 151 14.25 -17.47 -2.49
CA ARG C 151 14.83 -18.80 -2.70
C ARG C 151 15.78 -18.84 -3.89
#